data_3J2S
#
_entry.id   3J2S
#
_cell.length_a   1.000
_cell.length_b   1.000
_cell.length_c   1.000
_cell.angle_alpha   90.00
_cell.angle_beta   90.00
_cell.angle_gamma   90.00
#
_symmetry.space_group_name_H-M   'P 1'
#
_entity_poly.entity_id   1
_entity_poly.type   'polypeptide(L)'
_entity_poly.pdbx_seq_one_letter_code
;FQKKTRHYFIAAVERLWDYGMSSSPHVLRNRAQSGSVPQFKKVVFQEFTDGSFTQPLYRGELNEHLGLLGPYIRAEVEDN
IMVTFRNQASRPYSFYSSLISYEEDQRQGAEPRKNFVKPNETKTYFWKVQHHMAPTKDEFDCKAWAYFSDVDLEKDVHSG
LIGPLLVCHTNTLNPAHGRQVTVQEFALFLTIFDETKSWYFTENMERNCRAPCNIQMEDPTFKENYRFHAINGYIMDTLP
GLVMAQDQRIRWYLLSMGSNENIHSIHFSGHVFTVRKKEEYKMALYNLYPGVFETVEMLPSKAGIWRVECLIGEHLHAGM
STLFLVYSNKCQTPLGMASGHIRDFQITASGQYGQWAPKLARLHYSGSINAWSTKEPFSWIKVDLLAPMIIHGIKTQGAR
QKFSSLYISQFIIMYSLDGKKWQTYRGNSTGTLMVFFGNVDSSGIKHNIFNPPIIARYIRLHPTHYSIRSTLRMELMGCD
LNSCSMPLGMESKAISDAQITASSYFTNMFATWSPSKARLHLQGRSNAWRPQVNNPKEWLQVDFQKTMKVTGVTTQGVKS
LLTSMYVKEFLISSSQDGHQWTLFFQNGKVKVFQGNQDSFTPVVNSLDPPLLTRYLRIHPQSWVHQIALRMEVLGCEAQD
LY
;
_entity_poly.pdbx_strand_id   B
#
# COMPACT_ATOMS: atom_id res chain seq x y z
N PHE A 1 -21.42 -17.55 24.40
CA PHE A 1 -20.04 -17.60 23.80
C PHE A 1 -19.45 -18.97 24.03
N GLN A 2 -18.40 -19.37 23.29
CA GLN A 2 -17.85 -20.71 23.32
C GLN A 2 -16.36 -20.66 23.48
N LYS A 3 -15.72 -21.83 23.65
CA LYS A 3 -14.28 -22.04 23.59
C LYS A 3 -14.01 -22.70 22.26
N LYS A 4 -12.78 -22.69 21.70
CA LYS A 4 -12.54 -23.48 20.51
C LYS A 4 -11.28 -24.34 20.60
N THR A 5 -11.36 -25.58 20.11
CA THR A 5 -10.17 -26.35 19.78
C THR A 5 -9.70 -25.95 18.38
N ARG A 6 -8.50 -25.42 18.32
CA ARG A 6 -7.85 -24.90 17.11
C ARG A 6 -6.60 -25.69 16.76
N HIS A 7 -6.72 -26.64 15.84
CA HIS A 7 -5.58 -27.38 15.34
C HIS A 7 -4.92 -26.70 14.16
N TYR A 8 -3.58 -26.70 14.20
CA TYR A 8 -2.72 -26.28 13.12
C TYR A 8 -1.97 -27.50 12.61
N PHE A 9 -2.05 -27.76 11.30
CA PHE A 9 -1.41 -28.90 10.66
C PHE A 9 -0.13 -28.38 10.03
N ILE A 10 1.02 -28.67 10.63
CA ILE A 10 2.25 -27.94 10.35
C ILE A 10 3.39 -28.93 10.17
N ALA A 11 4.35 -28.62 9.28
CA ALA A 11 5.50 -29.45 9.04
C ALA A 11 6.78 -28.62 8.97
N ALA A 12 7.93 -29.28 8.78
CA ALA A 12 9.21 -28.64 8.53
C ALA A 12 9.74 -29.17 7.20
N VAL A 13 10.21 -28.27 6.30
CA VAL A 13 10.68 -28.61 4.95
C VAL A 13 11.76 -27.60 4.58
N GLU A 14 12.50 -27.76 3.47
CA GLU A 14 13.47 -26.77 3.03
C GLU A 14 13.13 -26.10 1.70
N ARG A 15 14.03 -25.21 1.25
CA ARG A 15 14.15 -24.60 -0.07
C ARG A 15 15.31 -23.65 0.13
N LEU A 16 15.06 -22.32 0.11
CA LEU A 16 15.55 -21.35 1.10
C LEU A 16 15.60 -19.92 0.59
N TRP A 17 16.80 -19.43 0.19
CA TRP A 17 17.15 -18.01 0.27
C TRP A 17 17.46 -17.34 -1.05
N ASP A 18 16.46 -16.66 -1.60
CA ASP A 18 16.62 -15.84 -2.76
C ASP A 18 17.13 -14.44 -2.38
N TYR A 19 18.07 -13.91 -3.17
CA TYR A 19 18.56 -12.54 -3.03
C TYR A 19 17.76 -11.63 -3.94
N GLY A 20 17.75 -11.99 -5.25
CA GLY A 20 17.17 -11.33 -6.41
C GLY A 20 16.37 -10.06 -6.35
N MET A 21 16.91 -9.00 -5.75
CA MET A 21 16.35 -7.67 -5.86
C MET A 21 17.10 -6.94 -6.96
N SER A 22 18.32 -6.40 -6.76
CA SER A 22 19.09 -5.79 -7.86
C SER A 22 20.56 -5.98 -7.71
N SER A 23 21.01 -5.53 -6.55
CA SER A 23 22.35 -5.32 -6.08
C SER A 23 23.13 -6.62 -5.75
N GLY A 35 25.41 -13.21 -13.48
CA GLY A 35 25.14 -12.86 -12.02
C GLY A 35 25.48 -14.03 -11.16
N SER A 36 25.99 -13.82 -9.93
CA SER A 36 26.66 -14.89 -9.18
C SER A 36 26.03 -15.18 -7.85
N VAL A 37 24.68 -15.16 -7.75
CA VAL A 37 23.98 -15.42 -6.48
C VAL A 37 24.10 -16.88 -6.03
N PRO A 38 24.41 -17.17 -4.77
CA PRO A 38 24.45 -18.54 -4.27
C PRO A 38 23.05 -19.09 -3.99
N GLN A 39 22.92 -20.43 -4.06
CA GLN A 39 21.89 -21.24 -3.41
C GLN A 39 22.31 -21.46 -1.95
N PHE A 40 21.36 -21.59 -1.02
CA PHE A 40 21.57 -22.06 0.33
C PHE A 40 20.37 -22.96 0.58
N LYS A 41 20.40 -23.88 1.56
CA LYS A 41 19.45 -24.98 1.70
C LYS A 41 18.97 -25.26 3.13
N LYS A 42 18.95 -24.25 4.04
CA LYS A 42 18.38 -24.33 5.39
C LYS A 42 16.89 -24.71 5.47
N VAL A 43 16.44 -25.01 6.70
CA VAL A 43 15.11 -25.52 7.02
C VAL A 43 14.13 -24.40 7.28
N VAL A 44 12.82 -24.64 7.07
CA VAL A 44 11.76 -23.73 7.48
C VAL A 44 10.56 -24.51 7.98
N PHE A 45 9.74 -23.89 8.85
CA PHE A 45 8.41 -24.39 9.17
C PHE A 45 7.42 -24.04 8.06
N GLN A 46 6.47 -24.94 7.76
CA GLN A 46 5.49 -24.76 6.72
C GLN A 46 4.12 -25.19 7.20
N GLU A 47 3.05 -24.43 6.88
CA GLU A 47 1.68 -24.82 7.16
C GLU A 47 1.19 -25.78 6.07
N PHE A 48 0.39 -26.78 6.44
CA PHE A 48 -0.21 -27.72 5.51
C PHE A 48 -1.70 -27.75 5.82
N THR A 49 -2.49 -28.40 4.96
CA THR A 49 -3.95 -28.33 5.05
C THR A 49 -4.56 -29.30 6.05
N ASP A 50 -4.10 -30.56 6.10
CA ASP A 50 -4.72 -31.61 6.87
C ASP A 50 -3.69 -32.64 7.34
N GLY A 51 -4.17 -33.85 7.71
CA GLY A 51 -3.33 -34.94 8.17
C GLY A 51 -2.73 -35.77 7.07
N SER A 52 -3.06 -35.46 5.82
CA SER A 52 -2.53 -36.13 4.65
C SER A 52 -1.21 -35.48 4.26
N PHE A 53 -1.05 -34.18 4.59
CA PHE A 53 0.16 -33.37 4.37
C PHE A 53 0.46 -33.14 2.89
N THR A 54 -0.57 -32.79 2.09
CA THR A 54 -0.40 -32.60 0.65
C THR A 54 -0.43 -31.15 0.20
N GLN A 55 -1.56 -30.42 0.39
CA GLN A 55 -1.68 -29.07 -0.13
C GLN A 55 -0.73 -28.09 0.58
N PRO A 56 0.13 -27.32 -0.08
CA PRO A 56 1.23 -26.59 0.55
C PRO A 56 0.78 -25.29 1.19
N LEU A 57 -0.54 -25.08 1.35
CA LEU A 57 -1.18 -23.96 2.00
C LEU A 57 -0.61 -22.60 1.58
N TYR A 58 -0.90 -22.22 0.31
CA TYR A 58 -0.42 -21.02 -0.37
C TYR A 58 -0.43 -19.77 0.50
N ARG A 59 0.76 -19.22 0.79
CA ARG A 59 0.90 -18.06 1.62
C ARG A 59 0.38 -16.83 0.92
N GLY A 60 -0.81 -16.37 1.36
CA GLY A 60 -1.52 -15.27 0.72
C GLY A 60 -0.92 -13.93 1.03
N GLU A 61 -1.26 -12.93 0.21
CA GLU A 61 -0.80 -11.56 0.24
C GLU A 61 -0.81 -10.93 1.64
N LEU A 62 -1.87 -11.21 2.44
CA LEU A 62 -2.00 -10.81 3.82
C LEU A 62 -0.92 -11.33 4.79
N ASN A 63 -0.21 -12.44 4.50
CA ASN A 63 0.89 -12.86 5.33
C ASN A 63 2.13 -13.34 4.57
N GLU A 64 2.43 -12.72 3.40
CA GLU A 64 3.68 -13.01 2.70
C GLU A 64 4.93 -12.42 3.36
N HIS A 65 4.81 -11.32 4.16
CA HIS A 65 5.88 -10.77 5.03
C HIS A 65 6.57 -11.80 5.90
N LEU A 66 5.77 -12.77 6.37
CA LEU A 66 6.13 -13.97 7.06
C LEU A 66 7.10 -14.86 6.27
N GLY A 67 6.99 -15.00 4.93
CA GLY A 67 8.06 -15.50 4.05
C GLY A 67 8.98 -16.69 4.36
N LEU A 68 10.00 -16.48 5.21
CA LEU A 68 11.11 -17.38 5.48
C LEU A 68 11.05 -18.05 6.86
N LEU A 69 10.09 -17.69 7.73
CA LEU A 69 9.85 -18.40 8.98
C LEU A 69 8.47 -19.05 8.97
N GLY A 70 8.05 -19.71 10.08
CA GLY A 70 6.78 -20.43 10.17
C GLY A 70 5.49 -19.62 10.16
N PRO A 71 4.35 -20.29 10.06
CA PRO A 71 3.04 -19.66 10.09
C PRO A 71 2.58 -19.20 11.47
N TYR A 72 1.48 -18.41 11.53
CA TYR A 72 0.92 -17.85 12.75
C TYR A 72 0.01 -18.80 13.50
N ILE A 73 0.45 -19.29 14.69
CA ILE A 73 -0.39 -20.11 15.54
C ILE A 73 -1.09 -19.21 16.55
N ARG A 74 -2.43 -19.34 16.69
CA ARG A 74 -3.23 -18.28 17.33
C ARG A 74 -4.32 -18.83 18.25
N ALA A 75 -4.48 -18.22 19.44
CA ALA A 75 -5.54 -18.63 20.36
C ALA A 75 -6.08 -17.48 21.20
N GLU A 76 -7.22 -17.71 21.86
CA GLU A 76 -7.81 -16.81 22.85
C GLU A 76 -7.41 -17.26 24.24
N VAL A 77 -8.04 -16.74 25.32
CA VAL A 77 -7.64 -17.05 26.69
C VAL A 77 -7.97 -18.47 27.11
N GLU A 78 -9.26 -18.86 27.15
CA GLU A 78 -9.66 -20.11 27.74
C GLU A 78 -9.75 -21.24 26.69
N ASP A 79 -8.78 -21.23 25.78
CA ASP A 79 -8.85 -22.02 24.55
C ASP A 79 -8.05 -23.34 24.53
N ASN A 80 -8.01 -24.01 23.38
CA ASN A 80 -7.25 -25.25 23.19
C ASN A 80 -6.38 -25.13 21.93
N ILE A 81 -5.05 -25.29 22.08
CA ILE A 81 -4.09 -25.26 20.97
C ILE A 81 -3.67 -26.68 20.64
N MET A 82 -3.67 -27.04 19.33
CA MET A 82 -3.23 -28.35 18.87
C MET A 82 -2.26 -28.24 17.72
N VAL A 83 -1.12 -28.96 17.79
CA VAL A 83 -0.17 -29.09 16.69
C VAL A 83 -0.01 -30.56 16.35
N THR A 84 -0.40 -30.93 15.11
CA THR A 84 -0.17 -32.27 14.57
C THR A 84 1.01 -32.14 13.63
N PHE A 85 2.23 -32.55 14.04
CA PHE A 85 3.46 -32.20 13.35
C PHE A 85 4.14 -33.40 12.66
N ARG A 86 4.62 -33.19 11.41
CA ARG A 86 5.54 -34.09 10.75
C ARG A 86 6.86 -33.40 10.45
N ASN A 87 7.97 -34.12 10.64
CA ASN A 87 9.29 -33.67 10.26
C ASN A 87 9.70 -34.31 8.93
N GLN A 88 10.20 -33.52 7.96
CA GLN A 88 10.65 -34.01 6.66
C GLN A 88 12.03 -33.44 6.39
N ALA A 89 13.09 -34.05 6.93
CA ALA A 89 14.43 -33.50 6.86
C ALA A 89 15.47 -34.54 7.29
N SER A 90 16.77 -34.18 7.28
CA SER A 90 17.87 -35.06 7.70
C SER A 90 18.07 -35.19 9.20
N ARG A 91 18.50 -34.14 9.88
CA ARG A 91 18.53 -34.04 11.34
C ARG A 91 17.09 -34.18 11.86
N PRO A 92 16.77 -34.92 12.95
CA PRO A 92 15.46 -34.78 13.58
C PRO A 92 15.28 -33.44 14.27
N TYR A 93 14.06 -32.87 14.26
CA TYR A 93 13.78 -31.56 14.81
C TYR A 93 12.61 -31.72 15.77
N SER A 94 12.02 -30.62 16.25
CA SER A 94 10.94 -30.70 17.24
C SER A 94 10.08 -29.45 17.21
N PHE A 95 9.05 -29.38 18.08
CA PHE A 95 8.19 -28.23 18.28
C PHE A 95 8.27 -27.88 19.77
N TYR A 96 8.59 -26.62 20.10
CA TYR A 96 8.70 -26.22 21.48
C TYR A 96 8.21 -24.78 21.64
N SER A 97 7.60 -24.46 22.80
CA SER A 97 7.32 -23.08 23.20
C SER A 97 7.17 -23.05 24.72
N SER A 98 6.87 -21.88 25.34
CA SER A 98 6.85 -21.71 26.79
C SER A 98 5.72 -22.42 27.52
N LEU A 99 4.43 -22.12 27.21
CA LEU A 99 3.34 -23.04 27.56
C LEU A 99 3.35 -24.16 26.54
N ILE A 100 4.01 -25.26 26.88
CA ILE A 100 3.88 -26.50 26.16
C ILE A 100 3.45 -27.54 27.18
N SER A 101 2.36 -27.25 27.93
CA SER A 101 1.92 -28.02 29.10
C SER A 101 1.83 -29.52 28.88
N TYR A 102 2.88 -30.22 29.32
CA TYR A 102 2.95 -31.66 29.36
C TYR A 102 2.41 -32.10 30.70
N GLU A 103 1.64 -33.18 30.70
CA GLU A 103 0.80 -33.52 31.83
C GLU A 103 1.36 -34.71 32.60
N GLU A 104 0.77 -34.96 33.79
CA GLU A 104 0.93 -36.12 34.67
C GLU A 104 2.35 -36.67 34.91
N ASP A 105 2.45 -37.95 35.33
CA ASP A 105 3.70 -38.67 35.49
C ASP A 105 3.68 -39.92 34.60
N GLN A 106 4.51 -40.93 34.90
CA GLN A 106 4.41 -42.22 34.24
C GLN A 106 5.24 -43.26 34.98
N ARG A 107 5.12 -44.55 34.60
CA ARG A 107 6.03 -45.61 35.02
C ARG A 107 7.38 -45.49 34.32
N GLN A 108 8.15 -44.46 34.71
CA GLN A 108 9.31 -44.00 33.98
C GLN A 108 10.62 -44.30 34.73
N GLY A 109 11.75 -43.87 34.12
CA GLY A 109 13.09 -43.92 34.71
C GLY A 109 13.67 -42.53 34.77
N ALA A 110 13.39 -41.80 35.86
CA ALA A 110 13.84 -40.43 36.09
C ALA A 110 13.33 -39.42 35.06
N GLU A 111 12.04 -39.54 34.72
CA GLU A 111 11.32 -38.66 33.82
C GLU A 111 11.91 -38.25 32.46
N PRO A 112 12.09 -39.15 31.48
CA PRO A 112 12.38 -38.78 30.10
C PRO A 112 11.33 -37.95 29.36
N ARG A 113 11.01 -36.82 29.76
CA ARG A 113 10.27 -35.66 29.26
C ARG A 113 11.08 -34.98 28.14
N LYS A 114 11.48 -35.81 27.10
CA LYS A 114 12.28 -35.36 25.99
C LYS A 114 11.46 -35.33 24.72
N ASN A 115 11.33 -34.14 24.11
CA ASN A 115 10.64 -34.00 22.85
C ASN A 115 11.65 -34.19 21.73
N PHE A 116 11.35 -35.12 20.82
CA PHE A 116 12.23 -35.50 19.75
C PHE A 116 11.29 -35.97 18.68
N VAL A 117 11.37 -35.44 17.44
CA VAL A 117 10.48 -35.83 16.36
C VAL A 117 11.33 -36.34 15.19
N LYS A 118 11.32 -37.65 14.95
CA LYS A 118 12.10 -38.23 13.86
C LYS A 118 11.50 -37.93 12.48
N PRO A 119 12.27 -37.95 11.40
CA PRO A 119 11.75 -37.71 10.06
C PRO A 119 10.73 -38.75 9.60
N ASN A 120 9.62 -38.29 9.02
CA ASN A 120 8.43 -39.05 8.65
C ASN A 120 7.56 -39.53 9.81
N GLU A 121 8.03 -39.48 11.08
CA GLU A 121 7.15 -39.78 12.21
C GLU A 121 6.24 -38.58 12.51
N THR A 122 5.08 -38.84 13.12
CA THR A 122 4.08 -37.81 13.40
C THR A 122 3.98 -37.61 14.89
N LYS A 123 4.66 -36.58 15.46
CA LYS A 123 4.41 -36.24 16.85
C LYS A 123 3.34 -35.17 16.94
N THR A 124 2.27 -35.51 17.67
CA THR A 124 1.14 -34.64 17.89
C THR A 124 1.13 -34.26 19.35
N TYR A 125 0.82 -32.99 19.66
CA TYR A 125 0.60 -32.59 21.03
C TYR A 125 -0.37 -31.44 21.08
N PHE A 126 -1.08 -31.32 22.21
CA PHE A 126 -2.16 -30.41 22.34
C PHE A 126 -2.29 -30.13 23.81
N TRP A 127 -2.72 -28.91 24.16
CA TRP A 127 -2.72 -28.46 25.53
C TRP A 127 -3.75 -27.37 25.70
N LYS A 128 -4.17 -27.16 26.97
CA LYS A 128 -4.99 -26.05 27.36
C LYS A 128 -4.13 -24.81 27.48
N VAL A 129 -4.41 -23.75 26.72
CA VAL A 129 -3.72 -22.50 26.91
C VAL A 129 -4.32 -21.81 28.14
N GLN A 130 -3.60 -21.86 29.27
CA GLN A 130 -4.04 -21.19 30.48
C GLN A 130 -3.65 -19.71 30.41
N HIS A 131 -4.29 -18.86 31.24
CA HIS A 131 -3.96 -17.45 31.50
C HIS A 131 -2.48 -17.15 31.80
N HIS A 132 -1.68 -18.21 32.03
CA HIS A 132 -0.22 -18.21 32.06
C HIS A 132 0.48 -17.64 30.83
N MET A 133 -0.09 -17.81 29.60
CA MET A 133 0.41 -17.17 28.38
C MET A 133 -0.33 -15.88 28.04
N ALA A 134 -1.44 -15.58 28.73
CA ALA A 134 -2.39 -14.59 28.27
C ALA A 134 -1.94 -13.17 28.55
N PRO A 135 -2.28 -12.18 27.72
CA PRO A 135 -2.15 -10.79 28.10
C PRO A 135 -3.19 -10.40 29.13
N THR A 136 -2.90 -9.34 29.90
CA THR A 136 -3.77 -8.83 30.96
C THR A 136 -4.56 -7.59 30.56
N LYS A 137 -5.33 -7.02 31.51
CA LYS A 137 -6.10 -5.79 31.29
C LYS A 137 -5.23 -4.55 31.17
N ASP A 138 -4.01 -4.60 31.71
CA ASP A 138 -2.99 -3.57 31.70
C ASP A 138 -2.21 -3.62 30.39
N GLU A 139 -2.38 -4.72 29.63
CA GLU A 139 -1.71 -4.98 28.38
C GLU A 139 -2.55 -4.63 27.13
N PHE A 140 -2.33 -5.35 26.00
CA PHE A 140 -2.96 -5.09 24.71
C PHE A 140 -3.88 -6.26 24.40
N ASP A 141 -4.63 -6.18 23.28
CA ASP A 141 -5.45 -7.26 22.73
C ASP A 141 -4.82 -8.64 22.75
N CYS A 142 -3.53 -8.70 22.40
CA CYS A 142 -2.84 -9.94 22.12
C CYS A 142 -1.35 -9.82 22.47
N LYS A 143 -0.77 -10.87 23.06
CA LYS A 143 0.64 -10.94 23.38
C LYS A 143 1.37 -11.78 22.35
N ALA A 144 2.70 -11.58 22.23
CA ALA A 144 3.56 -12.34 21.35
C ALA A 144 4.46 -13.32 22.09
N TRP A 145 4.59 -14.53 21.53
CA TRP A 145 5.45 -15.58 22.03
C TRP A 145 6.14 -16.21 20.83
N ALA A 146 7.24 -16.97 21.06
CA ALA A 146 7.98 -17.65 20.01
C ALA A 146 7.85 -19.16 20.15
N TYR A 147 7.71 -19.89 19.03
CA TYR A 147 7.94 -21.33 19.01
C TYR A 147 9.17 -21.62 18.17
N PHE A 148 9.86 -22.74 18.43
CA PHE A 148 11.04 -23.13 17.68
C PHE A 148 11.30 -24.61 17.89
N SER A 149 12.45 -25.14 17.44
CA SER A 149 12.88 -26.52 17.65
C SER A 149 13.84 -26.57 18.83
N ASP A 150 13.60 -27.45 19.82
CA ASP A 150 14.39 -27.57 21.03
C ASP A 150 15.53 -28.60 20.93
N VAL A 151 15.56 -29.41 19.85
CA VAL A 151 16.58 -30.43 19.56
C VAL A 151 18.01 -29.92 19.69
N ASP A 152 18.35 -28.88 18.92
CA ASP A 152 19.58 -28.17 19.06
C ASP A 152 19.20 -26.70 19.05
N LEU A 153 18.76 -26.14 20.20
CA LEU A 153 18.33 -24.76 20.32
C LEU A 153 19.39 -23.69 20.05
N GLU A 154 20.69 -24.06 19.95
CA GLU A 154 21.75 -23.22 19.40
C GLU A 154 21.62 -23.21 17.89
N LYS A 155 21.77 -24.38 17.24
CA LYS A 155 21.76 -24.44 15.80
C LYS A 155 20.41 -24.17 15.17
N ASP A 156 19.28 -24.79 15.82
CA ASP A 156 18.05 -24.79 14.98
C ASP A 156 17.37 -23.41 14.87
N VAL A 157 17.83 -22.41 15.71
CA VAL A 157 17.41 -21.04 15.50
C VAL A 157 18.06 -20.41 14.26
N HIS A 158 19.35 -20.69 13.99
CA HIS A 158 20.06 -20.28 12.78
C HIS A 158 19.63 -21.13 11.60
N SER A 159 19.33 -22.43 11.83
CA SER A 159 18.76 -23.38 10.87
C SER A 159 17.48 -22.92 10.21
N GLY A 160 16.71 -22.04 10.88
CA GLY A 160 15.54 -21.39 10.30
C GLY A 160 14.23 -21.77 10.92
N LEU A 161 14.22 -22.53 12.03
CA LEU A 161 12.99 -22.95 12.68
C LEU A 161 12.49 -21.90 13.68
N ILE A 162 12.31 -20.64 13.23
CA ILE A 162 11.66 -19.57 13.98
C ILE A 162 10.15 -19.64 13.74
N GLY A 163 9.32 -19.38 14.77
CA GLY A 163 7.87 -19.43 14.65
C GLY A 163 7.12 -18.44 15.53
N PRO A 164 6.11 -17.70 15.09
CA PRO A 164 5.36 -16.77 15.92
C PRO A 164 4.09 -17.37 16.56
N LEU A 165 3.84 -17.11 17.85
CA LEU A 165 2.66 -17.59 18.54
C LEU A 165 1.90 -16.41 19.16
N LEU A 166 0.59 -16.29 18.85
CA LEU A 166 -0.25 -15.17 19.26
C LEU A 166 -1.31 -15.61 20.26
N VAL A 167 -1.25 -15.08 21.49
CA VAL A 167 -2.21 -15.39 22.55
C VAL A 167 -2.98 -14.13 22.86
N CYS A 168 -4.32 -14.16 22.67
CA CYS A 168 -5.15 -12.96 22.71
C CYS A 168 -6.24 -13.05 23.79
N HIS A 169 -6.93 -11.91 24.06
CA HIS A 169 -8.13 -11.86 24.90
C HIS A 169 -9.33 -12.59 24.29
N THR A 170 -10.32 -13.01 25.09
CA THR A 170 -11.55 -13.62 24.55
C THR A 170 -12.45 -12.64 23.84
N ASN A 171 -13.05 -13.08 22.71
CA ASN A 171 -13.89 -12.29 21.81
C ASN A 171 -13.05 -11.33 20.97
N THR A 172 -11.82 -11.72 20.63
CA THR A 172 -10.96 -10.87 19.81
C THR A 172 -10.70 -11.43 18.44
N LEU A 173 -10.91 -12.74 18.21
CA LEU A 173 -10.74 -13.35 16.91
C LEU A 173 -12.07 -13.36 16.13
N ASN A 174 -12.13 -14.02 14.97
CA ASN A 174 -13.27 -13.94 14.07
C ASN A 174 -13.56 -15.28 13.40
N PRO A 175 -14.70 -15.45 12.70
CA PRO A 175 -14.91 -16.60 11.82
C PRO A 175 -14.01 -16.55 10.59
N ALA A 176 -13.53 -15.35 10.22
CA ALA A 176 -12.68 -15.09 9.06
C ALA A 176 -11.23 -15.53 9.21
N HIS A 177 -10.88 -16.17 10.34
CA HIS A 177 -9.54 -16.56 10.75
C HIS A 177 -8.71 -15.38 11.26
N GLY A 178 -8.15 -15.51 12.48
CA GLY A 178 -7.34 -14.45 13.06
C GLY A 178 -8.18 -13.35 13.62
N ARG A 179 -7.68 -12.10 13.61
CA ARG A 179 -8.42 -10.96 14.08
C ARG A 179 -8.20 -9.78 13.16
N GLN A 180 -9.22 -8.92 13.03
CA GLN A 180 -9.10 -7.76 12.17
C GLN A 180 -9.77 -6.49 12.66
N VAL A 181 -10.52 -6.51 13.80
CA VAL A 181 -11.14 -5.34 14.46
C VAL A 181 -10.21 -4.15 14.67
N THR A 182 -10.11 -3.28 13.64
CA THR A 182 -9.08 -2.25 13.43
C THR A 182 -7.66 -2.66 13.81
N VAL A 183 -7.17 -3.79 13.24
CA VAL A 183 -5.89 -4.38 13.61
C VAL A 183 -4.86 -4.25 12.48
N GLN A 184 -4.57 -5.36 11.73
CA GLN A 184 -3.50 -5.48 10.75
C GLN A 184 -2.14 -5.73 11.43
N GLU A 185 -1.73 -7.03 11.51
CA GLU A 185 -0.62 -7.49 12.34
C GLU A 185 0.56 -7.93 11.51
N PHE A 186 1.79 -7.55 11.89
CA PHE A 186 2.99 -8.03 11.23
C PHE A 186 4.04 -8.41 12.25
N ALA A 187 4.59 -9.62 12.12
CA ALA A 187 5.71 -10.08 12.90
C ALA A 187 7.01 -9.74 12.21
N LEU A 188 8.01 -9.34 13.02
CA LEU A 188 9.36 -9.05 12.59
C LEU A 188 10.29 -9.83 13.50
N PHE A 189 11.30 -10.46 12.89
CA PHE A 189 11.99 -11.62 13.39
C PHE A 189 13.46 -11.32 13.24
N LEU A 190 14.07 -10.67 14.25
CA LEU A 190 15.40 -10.12 14.05
C LEU A 190 16.48 -11.06 14.57
N THR A 191 17.36 -11.53 13.66
CA THR A 191 18.38 -12.51 14.01
C THR A 191 19.54 -12.33 13.06
N ILE A 192 20.79 -12.38 13.52
CA ILE A 192 21.92 -12.57 12.63
C ILE A 192 22.10 -14.09 12.45
N PHE A 193 21.93 -14.62 11.21
CA PHE A 193 22.01 -16.06 10.99
C PHE A 193 23.49 -16.45 10.87
N ASP A 194 23.86 -17.75 11.03
CA ASP A 194 25.21 -18.22 10.77
C ASP A 194 25.18 -19.67 10.32
N GLU A 195 26.05 -20.03 9.35
CA GLU A 195 26.31 -21.38 8.93
C GLU A 195 27.68 -21.87 9.32
N THR A 196 27.95 -21.91 10.64
CA THR A 196 28.72 -22.99 11.25
C THR A 196 27.75 -23.95 11.93
N LYS A 197 26.46 -23.68 11.78
CA LYS A 197 25.40 -24.40 12.41
C LYS A 197 24.90 -25.59 11.55
N SER A 198 23.56 -25.79 11.44
CA SER A 198 22.88 -26.85 10.67
C SER A 198 23.44 -27.34 9.36
N TRP A 199 23.80 -28.54 9.25
CA TRP A 199 24.30 -29.47 8.21
C TRP A 199 25.24 -28.97 7.09
N TYR A 200 25.37 -27.58 6.90
CA TYR A 200 26.08 -26.72 5.94
C TYR A 200 27.28 -27.27 5.16
N PHE A 201 27.84 -28.40 5.59
CA PHE A 201 28.65 -29.31 4.82
C PHE A 201 27.98 -29.72 3.52
N THR A 202 26.67 -30.00 3.56
CA THR A 202 25.83 -30.30 2.38
C THR A 202 25.45 -29.06 1.59
N GLU A 203 26.14 -27.92 1.84
CA GLU A 203 26.06 -26.70 1.07
C GLU A 203 27.44 -26.29 0.58
N ASN A 204 28.46 -26.25 1.46
CA ASN A 204 29.83 -25.87 1.11
C ASN A 204 30.47 -26.61 -0.07
N MET A 205 30.33 -27.94 -0.18
CA MET A 205 30.85 -28.72 -1.30
C MET A 205 29.76 -29.28 -2.20
N GLU A 206 28.48 -28.95 -1.92
CA GLU A 206 27.37 -29.17 -2.82
C GLU A 206 27.40 -28.11 -3.93
N ARG A 207 27.37 -26.80 -3.49
CA ARG A 207 27.37 -25.69 -4.43
C ARG A 207 28.59 -24.83 -4.10
N ASN A 208 29.01 -24.03 -5.06
CA ASN A 208 30.24 -23.22 -5.07
C ASN A 208 31.42 -24.01 -5.53
N CYS A 209 31.74 -25.16 -4.91
CA CYS A 209 32.87 -26.00 -5.29
C CYS A 209 32.54 -27.10 -6.30
N ARG A 210 33.46 -27.33 -7.27
CA ARG A 210 33.63 -28.60 -7.98
C ARG A 210 35.13 -28.78 -8.21
N ALA A 211 35.66 -28.94 -9.46
CA ALA A 211 37.08 -28.78 -9.71
C ALA A 211 37.68 -27.41 -9.34
N PRO A 212 37.14 -26.21 -9.65
CA PRO A 212 37.56 -25.01 -8.92
C PRO A 212 37.02 -25.05 -7.49
N CYS A 213 37.89 -25.38 -6.52
CA CYS A 213 37.58 -25.42 -5.10
C CYS A 213 38.85 -25.10 -4.33
N ASN A 214 38.95 -25.53 -3.06
CA ASN A 214 40.07 -25.35 -2.13
C ASN A 214 40.46 -23.89 -1.86
N ILE A 215 39.46 -23.01 -1.83
CA ILE A 215 39.63 -21.58 -1.60
C ILE A 215 38.87 -21.20 -0.34
N GLN A 216 39.61 -20.64 0.67
CA GLN A 216 39.08 -20.14 1.93
C GLN A 216 38.32 -21.14 2.81
N MET A 217 39.04 -21.83 3.72
CA MET A 217 38.47 -22.79 4.66
C MET A 217 37.58 -22.13 5.72
N GLU A 218 38.12 -21.63 6.84
CA GLU A 218 37.41 -20.77 7.77
C GLU A 218 37.95 -19.33 7.74
N ASP A 219 39.25 -19.14 7.42
CA ASP A 219 39.94 -17.87 7.16
C ASP A 219 39.15 -16.95 6.21
N PRO A 220 39.22 -15.61 6.25
CA PRO A 220 38.09 -14.70 6.09
C PRO A 220 37.01 -15.01 5.05
N THR A 221 36.16 -16.01 5.34
CA THR A 221 35.16 -16.58 4.43
C THR A 221 33.76 -16.34 4.94
N PHE A 222 33.66 -16.15 6.28
CA PHE A 222 32.48 -15.95 7.12
C PHE A 222 31.12 -15.74 6.44
N LYS A 223 30.53 -16.79 5.83
CA LYS A 223 29.56 -16.64 4.75
C LYS A 223 28.26 -15.95 5.11
N GLU A 224 27.87 -16.04 6.39
CA GLU A 224 26.76 -15.32 6.93
C GLU A 224 27.13 -13.93 7.42
N ASN A 225 28.28 -13.70 8.09
CA ASN A 225 28.78 -12.35 8.34
C ASN A 225 29.31 -11.63 7.09
N TYR A 226 29.17 -12.28 5.91
CA TYR A 226 29.28 -11.76 4.56
C TYR A 226 27.94 -11.19 4.09
N ARG A 227 26.84 -11.44 4.85
CA ARG A 227 25.48 -11.27 4.38
C ARG A 227 24.38 -11.10 5.46
N PHE A 228 23.96 -12.20 6.13
CA PHE A 228 22.61 -12.42 6.64
C PHE A 228 22.24 -11.72 7.95
N HIS A 229 21.98 -10.41 7.90
CA HIS A 229 21.35 -9.70 8.99
C HIS A 229 19.84 -9.79 8.86
N ALA A 230 19.19 -10.77 9.49
CA ALA A 230 17.81 -11.05 9.19
C ALA A 230 16.82 -10.20 9.95
N ILE A 231 15.88 -9.60 9.22
CA ILE A 231 14.52 -9.22 9.62
C ILE A 231 13.55 -10.29 9.05
N ASN A 232 13.88 -11.63 9.14
CA ASN A 232 13.17 -12.80 8.60
C ASN A 232 14.16 -13.79 7.99
N GLY A 233 14.50 -13.51 6.73
CA GLY A 233 15.24 -14.37 5.82
C GLY A 233 14.95 -14.04 4.37
N TYR A 234 14.15 -13.02 4.07
CA TYR A 234 14.18 -12.38 2.76
C TYR A 234 15.12 -11.18 2.83
N ILE A 235 16.29 -11.28 3.49
CA ILE A 235 16.90 -10.08 4.06
C ILE A 235 18.26 -9.83 3.51
N MET A 236 18.18 -9.30 2.30
CA MET A 236 18.92 -8.21 1.75
C MET A 236 18.28 -6.93 2.32
N ASP A 237 18.43 -5.76 1.69
CA ASP A 237 17.87 -4.52 2.23
C ASP A 237 16.40 -4.31 1.84
N THR A 238 15.55 -5.35 1.98
CA THR A 238 14.23 -5.40 1.34
C THR A 238 13.51 -6.69 1.66
N LEU A 239 12.28 -6.67 2.23
CA LEU A 239 11.47 -7.85 2.39
C LEU A 239 10.09 -7.48 1.88
N PRO A 240 9.22 -8.40 1.48
CA PRO A 240 8.08 -8.05 0.65
C PRO A 240 6.88 -7.42 1.36
N GLY A 241 5.97 -8.23 1.93
CA GLY A 241 4.59 -7.82 2.19
C GLY A 241 4.30 -7.03 3.44
N LEU A 242 4.96 -5.87 3.64
CA LEU A 242 4.64 -4.95 4.71
C LEU A 242 3.68 -3.86 4.23
N VAL A 243 2.39 -4.22 4.25
CA VAL A 243 1.35 -3.54 3.51
C VAL A 243 0.22 -3.11 4.45
N MET A 244 0.03 -1.80 4.70
CA MET A 244 -1.01 -1.44 5.65
C MET A 244 -1.62 -0.09 5.40
N ALA A 245 -2.77 0.16 6.03
CA ALA A 245 -3.43 1.43 5.95
C ALA A 245 -2.92 2.42 7.01
N GLN A 246 -2.89 3.72 6.66
CA GLN A 246 -2.33 4.79 7.46
C GLN A 246 -3.20 5.22 8.64
N ASP A 247 -4.48 4.83 8.61
CA ASP A 247 -5.42 4.95 9.72
C ASP A 247 -5.59 3.63 10.49
N GLN A 248 -5.89 2.50 9.80
CA GLN A 248 -6.13 1.19 10.41
C GLN A 248 -4.92 0.69 11.20
N ARG A 249 -4.99 0.89 12.53
CA ARG A 249 -3.84 0.99 13.40
C ARG A 249 -3.19 -0.33 13.75
N ILE A 250 -1.93 -0.41 13.32
CA ILE A 250 -1.17 -1.59 13.07
C ILE A 250 -0.51 -2.10 14.35
N ARG A 251 -0.43 -3.44 14.52
CA ARG A 251 0.35 -4.02 15.59
C ARG A 251 1.57 -4.77 15.09
N TRP A 252 2.75 -4.32 15.56
CA TRP A 252 4.03 -4.95 15.30
C TRP A 252 4.33 -5.99 16.35
N TYR A 253 4.75 -7.18 15.90
CA TYR A 253 5.16 -8.30 16.74
C TYR A 253 6.66 -8.45 16.58
N LEU A 254 7.45 -7.81 17.46
CA LEU A 254 8.89 -7.71 17.30
C LEU A 254 9.58 -8.73 18.19
N LEU A 255 10.16 -9.82 17.63
CA LEU A 255 10.87 -10.79 18.46
C LEU A 255 12.32 -10.88 17.99
N SER A 256 13.32 -10.80 18.90
CA SER A 256 14.72 -11.06 18.57
C SER A 256 15.13 -12.43 19.09
N MET A 257 16.09 -13.06 18.41
CA MET A 257 16.56 -14.40 18.68
C MET A 257 18.07 -14.44 18.53
N GLY A 258 18.67 -15.61 18.23
CA GLY A 258 20.08 -15.71 17.87
C GLY A 258 21.04 -15.86 19.01
N SER A 259 22.20 -15.20 18.88
CA SER A 259 23.33 -15.35 19.78
C SER A 259 23.34 -14.24 20.83
N ASN A 260 24.52 -13.83 21.35
CA ASN A 260 24.60 -12.94 22.50
C ASN A 260 25.14 -11.55 22.14
N GLU A 261 25.29 -11.25 20.85
CA GLU A 261 25.50 -9.93 20.29
C GLU A 261 24.21 -9.40 19.67
N ASN A 262 23.23 -10.30 19.37
CA ASN A 262 21.91 -10.12 18.73
C ASN A 262 20.94 -9.21 19.51
N ILE A 263 21.43 -8.04 19.94
CA ILE A 263 20.68 -6.92 20.44
C ILE A 263 20.33 -6.10 19.21
N HIS A 264 19.05 -5.93 18.88
CA HIS A 264 18.67 -5.24 17.66
C HIS A 264 17.81 -4.02 17.95
N SER A 265 18.41 -2.82 17.92
CA SER A 265 17.72 -1.57 18.22
C SER A 265 16.99 -1.01 17.02
N ILE A 266 15.68 -1.25 16.91
CA ILE A 266 14.91 -1.07 15.69
C ILE A 266 14.10 0.21 15.71
N HIS A 267 13.96 0.90 14.56
CA HIS A 267 12.96 1.94 14.44
C HIS A 267 12.26 1.99 13.10
N PHE A 268 11.23 2.85 13.03
CA PHE A 268 10.40 3.11 11.87
C PHE A 268 10.49 4.60 11.61
N SER A 269 11.31 5.08 10.65
CA SER A 269 11.46 6.52 10.42
C SER A 269 10.18 7.28 10.07
N GLY A 270 9.98 8.44 10.73
CA GLY A 270 8.81 9.31 10.58
C GLY A 270 7.63 8.91 11.43
N HIS A 271 7.77 7.83 12.20
CA HIS A 271 6.69 7.24 12.96
C HIS A 271 7.05 7.00 14.42
N VAL A 272 6.02 6.99 15.28
CA VAL A 272 6.15 6.82 16.71
C VAL A 272 5.11 5.82 17.16
N PHE A 273 5.48 4.94 18.11
CA PHE A 273 4.68 3.83 18.55
C PHE A 273 4.45 3.89 20.06
N THR A 274 3.49 3.10 20.58
CA THR A 274 3.10 3.12 21.98
C THR A 274 3.23 1.73 22.59
N VAL A 275 3.95 1.59 23.73
CA VAL A 275 4.22 0.29 24.34
C VAL A 275 3.58 0.19 25.71
N ARG A 276 2.70 -0.80 25.88
CA ARG A 276 2.14 -1.20 27.15
C ARG A 276 3.11 -2.00 28.03
N LYS A 277 3.01 -1.87 29.36
CA LYS A 277 3.88 -2.62 30.26
C LYS A 277 3.34 -2.63 31.67
N LYS A 278 3.22 -1.44 32.26
CA LYS A 278 2.45 -1.13 33.43
C LYS A 278 1.30 -0.38 32.81
N GLU A 279 1.50 0.92 32.58
CA GLU A 279 0.72 1.72 31.68
C GLU A 279 1.35 1.70 30.28
N GLU A 280 0.70 2.37 29.31
CA GLU A 280 1.27 2.65 28.02
C GLU A 280 2.19 3.85 28.05
N TYR A 281 3.40 3.74 27.47
CA TYR A 281 4.22 4.91 27.25
C TYR A 281 4.87 4.92 25.88
N LYS A 282 5.20 6.14 25.40
CA LYS A 282 5.42 6.40 24.00
C LYS A 282 6.90 6.32 23.63
N MET A 283 7.25 5.51 22.61
CA MET A 283 8.65 5.29 22.27
C MET A 283 8.92 5.47 20.78
N ALA A 284 10.18 5.80 20.44
CA ALA A 284 10.62 6.10 19.10
C ALA A 284 11.50 5.00 18.50
N LEU A 285 12.20 4.22 19.33
CA LEU A 285 12.91 3.04 18.87
C LEU A 285 12.87 2.04 20.00
N TYR A 286 12.99 0.73 19.72
CA TYR A 286 13.00 -0.29 20.76
C TYR A 286 14.26 -1.13 20.66
N ASN A 287 14.92 -1.37 21.80
CA ASN A 287 16.06 -2.26 21.92
C ASN A 287 15.57 -3.70 22.04
N LEU A 288 15.54 -4.45 20.93
CA LEU A 288 15.10 -5.83 20.95
C LEU A 288 16.20 -6.74 21.49
N TYR A 289 15.91 -7.48 22.59
CA TYR A 289 16.84 -8.38 23.23
C TYR A 289 16.51 -9.82 22.86
N PRO A 290 17.47 -10.75 22.78
CA PRO A 290 17.21 -12.15 22.47
C PRO A 290 16.35 -12.81 23.54
N GLY A 291 15.10 -13.19 23.20
CA GLY A 291 14.18 -13.77 24.17
C GLY A 291 13.14 -12.81 24.67
N VAL A 292 13.22 -11.53 24.30
CA VAL A 292 12.19 -10.55 24.61
C VAL A 292 11.24 -10.46 23.42
N PHE A 293 9.96 -10.86 23.65
CA PHE A 293 8.98 -11.01 22.59
C PHE A 293 7.96 -9.87 22.65
N GLU A 294 8.17 -8.77 21.89
CA GLU A 294 7.36 -7.56 22.06
C GLU A 294 6.12 -7.49 21.20
N THR A 295 5.11 -6.74 21.70
CA THR A 295 3.90 -6.39 20.95
C THR A 295 3.68 -4.91 21.05
N VAL A 296 3.70 -4.21 19.90
CA VAL A 296 3.70 -2.77 19.96
C VAL A 296 2.91 -2.12 18.83
N GLU A 297 2.17 -1.04 19.11
CA GLU A 297 1.22 -0.50 18.16
C GLU A 297 1.52 0.91 17.70
N MET A 298 1.09 1.24 16.47
CA MET A 298 1.18 2.60 15.98
C MET A 298 0.01 2.97 15.11
N LEU A 299 -0.14 4.28 14.89
CA LEU A 299 -1.15 4.85 14.04
C LEU A 299 -0.39 5.62 12.96
N PRO A 300 -0.07 5.02 11.82
CA PRO A 300 0.93 5.57 10.89
C PRO A 300 0.35 6.66 9.99
N SER A 301 -0.11 7.77 10.60
CA SER A 301 -0.68 8.96 9.98
C SER A 301 0.34 9.84 9.24
N LYS A 302 1.36 9.23 8.63
CA LYS A 302 2.22 9.87 7.66
C LYS A 302 2.37 8.97 6.46
N ALA A 303 1.54 9.26 5.46
CA ALA A 303 1.37 8.52 4.26
C ALA A 303 2.55 8.55 3.29
N GLY A 304 2.86 7.41 2.62
CA GLY A 304 3.95 7.41 1.63
C GLY A 304 4.70 6.11 1.41
N ILE A 305 5.98 6.04 1.83
CA ILE A 305 6.87 4.87 1.76
C ILE A 305 7.97 5.12 2.78
N TRP A 306 8.22 4.15 3.66
CA TRP A 306 9.22 4.26 4.70
C TRP A 306 10.00 2.95 4.75
N ARG A 307 10.67 2.64 5.88
CA ARG A 307 11.48 1.45 6.03
C ARG A 307 11.63 1.16 7.50
N VAL A 308 11.86 -0.11 7.87
CA VAL A 308 12.29 -0.51 9.20
C VAL A 308 13.77 -0.68 9.14
N GLU A 309 14.48 -0.28 10.20
CA GLU A 309 15.91 -0.46 10.23
C GLU A 309 16.39 -0.72 11.64
N CYS A 310 17.44 -1.54 11.78
CA CYS A 310 18.17 -1.69 13.03
C CYS A 310 19.23 -0.61 13.05
N LEU A 311 19.12 0.35 13.97
CA LEU A 311 19.85 1.60 13.96
C LEU A 311 21.26 1.48 14.55
N ILE A 312 21.69 0.24 14.80
CA ILE A 312 23.03 -0.08 15.25
C ILE A 312 23.95 -0.15 14.03
N GLY A 313 24.58 0.99 13.69
CA GLY A 313 25.54 1.24 12.60
C GLY A 313 25.90 0.14 11.63
N GLU A 314 26.79 -0.78 12.05
CA GLU A 314 27.28 -1.91 11.29
C GLU A 314 26.21 -2.89 10.83
N HIS A 315 25.18 -3.17 11.65
CA HIS A 315 24.03 -4.00 11.29
C HIS A 315 23.18 -3.39 10.18
N LEU A 316 23.07 -2.05 10.12
CA LEU A 316 22.33 -1.38 9.06
C LEU A 316 23.06 -1.47 7.74
N HIS A 317 24.40 -1.31 7.76
CA HIS A 317 25.23 -1.34 6.57
C HIS A 317 25.56 -2.74 6.05
N ALA A 318 24.85 -3.79 6.51
CA ALA A 318 24.92 -5.09 5.88
C ALA A 318 23.57 -5.81 5.90
N GLY A 319 22.47 -5.11 5.59
CA GLY A 319 21.17 -5.74 5.38
C GLY A 319 20.14 -5.46 6.44
N MET A 320 19.78 -4.19 6.67
CA MET A 320 18.64 -3.91 7.51
C MET A 320 17.78 -2.77 7.02
N SER A 321 18.07 -2.15 5.85
CA SER A 321 17.32 -0.97 5.40
C SER A 321 16.05 -1.33 4.64
N THR A 322 15.11 -1.97 5.34
CA THR A 322 14.05 -2.75 4.71
C THR A 322 12.72 -2.04 4.69
N LEU A 323 12.15 -1.83 3.49
CA LEU A 323 10.97 -0.99 3.24
C LEU A 323 9.65 -1.34 3.93
N PHE A 324 8.74 -0.35 4.02
CA PHE A 324 7.32 -0.61 4.27
C PHE A 324 6.45 0.51 3.71
N LEU A 325 5.15 0.22 3.50
CA LEU A 325 4.25 1.00 2.68
C LEU A 325 2.88 1.24 3.37
N VAL A 326 2.45 2.52 3.57
CA VAL A 326 1.26 2.95 4.32
C VAL A 326 0.20 3.72 3.46
N TYR A 327 -0.94 3.11 3.01
CA TYR A 327 -1.94 3.61 2.05
C TYR A 327 -3.14 4.23 2.81
N SER A 328 -4.21 4.67 2.08
CA SER A 328 -5.00 5.53 2.90
C SER A 328 -6.01 6.65 2.39
N ASN A 329 -6.17 7.77 3.20
CA ASN A 329 -6.22 9.27 2.97
C ASN A 329 -4.96 10.19 3.42
N LYS A 330 -5.11 11.34 4.18
CA LYS A 330 -4.25 12.55 4.57
C LYS A 330 -2.84 12.99 3.98
N CYS A 331 -2.65 13.35 2.68
CA CYS A 331 -3.46 12.83 1.56
C CYS A 331 -2.48 12.60 0.39
N GLN A 332 -1.23 12.21 0.69
CA GLN A 332 -0.37 11.62 -0.33
C GLN A 332 -0.03 10.22 0.10
N THR A 333 -0.98 9.33 -0.12
CA THR A 333 -0.96 7.99 0.39
C THR A 333 -0.92 7.00 -0.74
N PRO A 334 -0.51 5.77 -0.62
CA PRO A 334 -0.69 4.83 -1.72
C PRO A 334 -2.14 4.49 -2.02
N LEU A 335 -2.45 4.03 -3.24
CA LEU A 335 -3.82 3.81 -3.65
C LEU A 335 -4.21 2.35 -3.48
N GLY A 336 -3.20 1.51 -3.17
CA GLY A 336 -3.42 0.18 -2.61
C GLY A 336 -3.07 -0.85 -3.61
N MET A 337 -1.84 -0.82 -4.16
CA MET A 337 -1.45 -1.87 -5.07
C MET A 337 -1.17 -3.16 -4.36
N ALA A 338 -0.62 -3.12 -3.15
CA ALA A 338 -0.74 -4.27 -2.27
C ALA A 338 -2.19 -4.51 -1.83
N SER A 339 -2.60 -3.77 -0.79
CA SER A 339 -3.89 -3.89 -0.13
C SER A 339 -4.97 -3.06 -0.78
N GLY A 340 -5.41 -3.48 -1.96
CA GLY A 340 -6.52 -2.83 -2.66
C GLY A 340 -7.44 -3.84 -3.22
N HIS A 341 -6.95 -4.59 -4.20
CA HIS A 341 -7.80 -5.38 -5.06
C HIS A 341 -6.99 -6.56 -5.55
N ILE A 342 -7.46 -7.81 -5.27
CA ILE A 342 -6.74 -9.08 -5.44
C ILE A 342 -6.28 -9.34 -6.86
N ARG A 343 -7.19 -9.25 -7.83
CA ARG A 343 -6.84 -9.18 -9.23
C ARG A 343 -7.78 -8.17 -9.82
N ASP A 344 -7.28 -6.93 -9.94
CA ASP A 344 -7.98 -5.82 -10.49
C ASP A 344 -7.82 -5.78 -12.01
N PHE A 345 -7.68 -4.58 -12.56
CA PHE A 345 -7.58 -4.33 -13.96
C PHE A 345 -6.16 -4.54 -14.48
N GLN A 346 -6.08 -4.74 -15.80
CA GLN A 346 -4.85 -5.01 -16.49
C GLN A 346 -4.94 -4.42 -17.89
N ILE A 347 -4.91 -5.24 -18.95
CA ILE A 347 -4.75 -4.73 -20.31
C ILE A 347 -6.00 -4.82 -21.17
N THR A 348 -5.86 -5.48 -22.33
CA THR A 348 -6.88 -6.07 -23.19
C THR A 348 -6.13 -6.87 -24.26
N ALA A 349 -4.89 -6.47 -24.63
CA ALA A 349 -4.05 -7.25 -25.51
C ALA A 349 -2.56 -7.10 -25.16
N SER A 350 -2.13 -5.86 -24.88
CA SER A 350 -0.75 -5.44 -24.61
C SER A 350 -0.11 -5.97 -23.33
N GLY A 351 0.03 -7.30 -23.16
CA GLY A 351 0.61 -7.87 -21.94
C GLY A 351 0.59 -9.38 -21.91
N GLN A 352 1.77 -10.05 -22.06
CA GLN A 352 1.80 -11.51 -22.22
C GLN A 352 3.18 -12.18 -22.08
N TYR A 353 3.37 -13.06 -21.06
CA TYR A 353 4.51 -13.99 -21.02
C TYR A 353 4.26 -15.25 -20.16
N GLY A 354 3.01 -15.73 -19.99
CA GLY A 354 2.73 -16.93 -19.16
C GLY A 354 2.68 -16.63 -17.68
N GLN A 355 3.84 -16.23 -17.12
CA GLN A 355 3.96 -15.30 -16.00
C GLN A 355 3.36 -13.99 -16.49
N TRP A 356 2.09 -13.72 -16.11
CA TRP A 356 1.26 -12.79 -16.86
C TRP A 356 1.30 -11.36 -16.35
N ALA A 357 0.30 -10.57 -16.77
CA ALA A 357 0.24 -9.15 -16.60
C ALA A 357 -0.16 -8.69 -15.18
N PRO A 358 -0.61 -7.45 -14.92
CA PRO A 358 -1.31 -7.17 -13.68
C PRO A 358 -2.51 -8.09 -13.51
N LYS A 359 -2.71 -8.53 -12.26
CA LYS A 359 -2.92 -9.93 -11.92
C LYS A 359 -1.94 -10.11 -10.78
N LEU A 360 -0.65 -9.81 -11.04
CA LEU A 360 0.38 -9.87 -10.02
C LEU A 360 1.54 -8.85 -10.16
N ALA A 361 1.32 -7.69 -10.81
CA ALA A 361 2.34 -6.67 -11.01
C ALA A 361 2.41 -5.59 -9.93
N ARG A 362 2.50 -5.99 -8.66
CA ARG A 362 2.47 -5.09 -7.52
C ARG A 362 3.86 -4.83 -6.99
N LEU A 363 4.10 -3.62 -6.46
CA LEU A 363 5.33 -3.26 -5.77
C LEU A 363 5.69 -4.23 -4.64
N HIS A 364 6.88 -4.65 -4.52
CA HIS A 364 7.54 -5.56 -3.57
C HIS A 364 7.16 -7.03 -3.68
N TYR A 365 5.99 -7.44 -4.33
CA TYR A 365 5.51 -8.82 -4.47
C TYR A 365 6.59 -9.87 -4.71
N SER A 366 6.72 -10.86 -3.81
CA SER A 366 7.82 -11.80 -3.85
C SER A 366 7.58 -12.99 -4.78
N GLY A 367 8.57 -13.90 -4.85
CA GLY A 367 8.52 -15.12 -5.62
C GLY A 367 9.31 -15.05 -6.90
N SER A 368 9.12 -16.05 -7.76
CA SER A 368 9.72 -16.15 -9.08
C SER A 368 8.72 -15.83 -10.18
N ILE A 369 7.41 -16.02 -9.92
CA ILE A 369 6.35 -15.73 -10.87
C ILE A 369 5.86 -14.29 -10.77
N ASN A 370 6.74 -13.34 -10.43
CA ASN A 370 6.36 -12.03 -9.92
C ASN A 370 6.63 -10.85 -10.87
N ALA A 371 5.54 -10.18 -11.31
CA ALA A 371 5.48 -8.86 -11.93
C ALA A 371 4.94 -8.88 -13.35
N TRP A 372 4.91 -7.71 -14.04
CA TRP A 372 4.58 -7.61 -15.45
C TRP A 372 5.82 -7.86 -16.29
N SER A 373 5.61 -8.22 -17.56
CA SER A 373 6.54 -9.04 -18.29
C SER A 373 6.21 -9.09 -19.77
N THR A 374 6.49 -8.08 -20.62
CA THR A 374 6.17 -8.24 -22.05
C THR A 374 7.34 -7.89 -22.93
N LYS A 375 7.70 -8.73 -23.92
CA LYS A 375 8.71 -8.37 -24.91
C LYS A 375 8.06 -7.77 -26.15
N GLU A 376 7.22 -6.75 -25.94
CA GLU A 376 6.37 -6.18 -26.95
C GLU A 376 6.72 -4.71 -27.09
N PRO A 377 7.18 -4.19 -28.23
CA PRO A 377 7.54 -2.78 -28.37
C PRO A 377 6.37 -1.82 -28.20
N PHE A 378 5.12 -2.25 -28.49
CA PHE A 378 3.92 -1.43 -28.34
C PHE A 378 3.10 -1.89 -27.13
N SER A 379 3.54 -1.50 -25.92
CA SER A 379 3.04 -2.03 -24.65
C SER A 379 2.30 -0.97 -23.84
N TRP A 380 1.40 -1.40 -22.91
CA TRP A 380 0.83 -0.53 -21.87
C TRP A 380 0.07 -1.37 -20.85
N ILE A 381 0.08 -0.95 -19.56
CA ILE A 381 -0.80 -1.50 -18.51
C ILE A 381 -1.83 -0.46 -18.11
N LYS A 382 -2.94 -0.89 -17.47
CA LYS A 382 -4.02 0.02 -17.15
C LYS A 382 -4.81 -0.41 -15.91
N VAL A 383 -4.80 0.44 -14.88
CA VAL A 383 -5.55 0.27 -13.64
C VAL A 383 -6.87 1.02 -13.80
N ASP A 384 -7.99 0.51 -13.22
CA ASP A 384 -9.21 1.26 -13.02
C ASP A 384 -9.20 1.52 -11.53
N LEU A 385 -9.25 2.79 -11.08
CA LEU A 385 -9.27 3.11 -9.67
C LEU A 385 -10.68 3.08 -9.11
N LEU A 386 -11.66 2.63 -9.92
CA LEU A 386 -13.07 2.42 -9.61
C LEU A 386 -13.87 3.71 -9.41
N ALA A 387 -13.19 4.79 -8.99
CA ALA A 387 -13.74 6.09 -8.73
C ALA A 387 -12.90 7.18 -9.42
N PRO A 388 -13.39 8.41 -9.49
CA PRO A 388 -12.53 9.57 -9.71
C PRO A 388 -11.60 9.73 -8.51
N MET A 389 -10.27 9.76 -8.71
CA MET A 389 -9.31 9.78 -7.61
C MET A 389 -8.11 10.71 -7.77
N ILE A 390 -7.53 11.13 -6.62
CA ILE A 390 -6.27 11.87 -6.50
C ILE A 390 -5.16 10.89 -6.78
N ILE A 391 -4.25 11.16 -7.73
CA ILE A 391 -3.02 10.37 -7.85
C ILE A 391 -1.78 11.25 -7.85
N HIS A 392 -1.08 11.50 -6.71
CA HIS A 392 0.09 12.39 -6.68
C HIS A 392 1.36 11.81 -7.30
N GLY A 393 1.40 10.51 -7.66
CA GLY A 393 2.68 9.96 -8.11
C GLY A 393 2.61 8.48 -8.32
N ILE A 394 3.75 7.88 -8.61
CA ILE A 394 3.86 6.45 -8.86
C ILE A 394 5.24 5.98 -8.43
N LYS A 395 5.31 4.85 -7.69
CA LYS A 395 6.56 4.14 -7.50
C LYS A 395 6.56 3.01 -8.48
N THR A 396 7.65 2.92 -9.23
CA THR A 396 7.86 1.91 -10.23
C THR A 396 9.09 1.15 -9.79
N GLN A 397 9.18 -0.13 -10.17
CA GLN A 397 10.24 -1.03 -9.77
C GLN A 397 10.31 -2.17 -10.81
N GLY A 398 11.47 -2.84 -10.97
CA GLY A 398 11.70 -3.89 -11.99
C GLY A 398 11.65 -5.27 -11.41
N ALA A 399 11.87 -6.34 -12.20
CA ALA A 399 11.82 -7.70 -11.68
C ALA A 399 13.08 -8.43 -12.08
N ARG A 400 13.43 -9.53 -11.41
CA ARG A 400 14.70 -10.19 -11.62
C ARG A 400 14.51 -11.55 -12.28
N GLN A 401 15.26 -11.84 -13.36
CA GLN A 401 15.18 -13.12 -14.06
C GLN A 401 16.34 -14.02 -13.72
N LYS A 402 16.37 -15.24 -14.30
CA LYS A 402 17.41 -16.27 -14.27
C LYS A 402 18.77 -15.83 -13.71
N PHE A 403 19.55 -15.04 -14.48
CA PHE A 403 20.67 -14.30 -13.93
C PHE A 403 20.66 -12.89 -14.45
N SER A 404 19.46 -12.41 -14.82
CA SER A 404 19.27 -11.28 -15.71
C SER A 404 18.53 -10.17 -15.00
N SER A 405 18.94 -8.91 -15.19
CA SER A 405 18.27 -7.75 -14.58
C SER A 405 17.30 -7.18 -15.59
N LEU A 406 16.00 -6.99 -15.24
CA LEU A 406 15.08 -6.46 -16.28
C LEU A 406 13.93 -5.57 -15.80
N TYR A 407 13.84 -4.42 -16.42
CA TYR A 407 13.03 -3.36 -15.93
C TYR A 407 12.56 -2.50 -17.10
N ILE A 408 11.82 -1.43 -16.81
CA ILE A 408 11.58 -0.34 -17.74
C ILE A 408 12.44 0.83 -17.34
N SER A 409 13.13 1.45 -18.32
CA SER A 409 14.08 2.52 -18.07
C SER A 409 13.48 3.88 -18.34
N GLN A 410 12.50 3.97 -19.27
CA GLN A 410 11.72 5.17 -19.47
C GLN A 410 10.27 4.82 -19.74
N PHE A 411 9.36 5.78 -19.45
CA PHE A 411 7.95 5.61 -19.70
C PHE A 411 7.26 6.95 -19.93
N ILE A 412 6.07 6.92 -20.54
CA ILE A 412 5.13 8.04 -20.52
C ILE A 412 3.87 7.58 -19.83
N ILE A 413 3.07 8.53 -19.34
CA ILE A 413 1.80 8.26 -18.69
C ILE A 413 0.69 8.91 -19.49
N MET A 414 -0.42 8.17 -19.67
CA MET A 414 -1.67 8.68 -20.19
C MET A 414 -2.71 8.43 -19.12
N TYR A 415 -3.83 9.16 -19.11
CA TYR A 415 -4.88 8.90 -18.16
C TYR A 415 -6.25 9.14 -18.76
N SER A 416 -7.30 8.57 -18.14
CA SER A 416 -8.68 8.85 -18.52
C SER A 416 -9.51 9.11 -17.28
N LEU A 417 -10.49 9.97 -17.47
CA LEU A 417 -11.43 10.44 -16.49
C LEU A 417 -12.74 9.65 -16.57
N ASP A 418 -13.08 9.14 -17.77
CA ASP A 418 -14.32 8.51 -18.18
C ASP A 418 -14.13 7.02 -18.51
N GLY A 419 -13.24 6.73 -19.49
CA GLY A 419 -13.03 5.49 -20.20
C GLY A 419 -12.94 5.75 -21.70
N LYS A 420 -13.58 6.82 -22.20
CA LYS A 420 -13.72 7.16 -23.61
C LYS A 420 -12.53 7.95 -24.15
N LYS A 421 -12.37 9.24 -23.79
CA LYS A 421 -11.35 10.07 -24.42
C LYS A 421 -10.14 10.30 -23.52
N TRP A 422 -8.98 9.75 -23.96
CA TRP A 422 -7.71 9.82 -23.27
C TRP A 422 -6.84 10.92 -23.86
N GLN A 423 -5.84 11.41 -23.11
CA GLN A 423 -4.74 12.14 -23.72
C GLN A 423 -3.41 11.83 -23.03
N THR A 424 -2.32 12.49 -23.47
CA THR A 424 -1.00 12.39 -22.89
C THR A 424 -0.84 13.35 -21.72
N TYR A 425 0.39 13.51 -21.23
CA TYR A 425 0.67 14.21 -20.01
C TYR A 425 1.86 15.13 -20.21
N ARG A 426 1.95 16.23 -19.42
CA ARG A 426 2.94 17.28 -19.57
C ARG A 426 3.39 17.95 -18.27
N GLY A 427 4.38 17.34 -17.55
CA GLY A 427 5.28 17.92 -16.53
C GLY A 427 5.72 19.37 -16.69
N ASN A 428 6.52 20.04 -15.71
CA ASN A 428 6.38 21.49 -15.53
C ASN A 428 7.09 22.34 -16.59
N SER A 429 6.17 22.69 -17.56
CA SER A 429 6.50 23.42 -18.78
C SER A 429 7.34 22.60 -19.77
N THR A 430 7.41 21.25 -19.58
CA THR A 430 8.45 20.30 -20.02
C THR A 430 8.88 20.41 -21.45
N GLY A 431 8.02 20.00 -22.36
CA GLY A 431 8.11 20.33 -23.77
C GLY A 431 6.79 19.96 -24.34
N THR A 432 6.77 18.90 -25.13
CA THR A 432 5.57 18.37 -25.78
C THR A 432 4.91 17.28 -24.95
N LEU A 433 5.70 16.46 -24.25
CA LEU A 433 5.27 15.20 -23.71
C LEU A 433 6.09 14.97 -22.46
N MET A 434 5.50 14.50 -21.34
CA MET A 434 6.27 14.23 -20.15
C MET A 434 6.88 12.84 -20.15
N VAL A 435 8.20 12.79 -20.38
CA VAL A 435 8.99 11.58 -20.29
C VAL A 435 9.41 11.32 -18.86
N PHE A 436 9.12 10.12 -18.34
CA PHE A 436 9.55 9.70 -17.03
C PHE A 436 10.74 8.78 -17.12
N PHE A 437 11.64 8.90 -16.13
CA PHE A 437 12.70 7.96 -15.90
C PHE A 437 12.20 6.85 -15.00
N GLY A 438 12.51 5.59 -15.37
CA GLY A 438 12.09 4.40 -14.63
C GLY A 438 13.16 3.91 -13.70
N ASN A 439 13.47 2.61 -13.82
CA ASN A 439 14.35 1.95 -12.88
C ASN A 439 15.73 1.90 -13.49
N VAL A 440 16.74 1.44 -12.74
CA VAL A 440 18.09 1.30 -13.27
C VAL A 440 18.43 -0.18 -13.33
N ASP A 441 17.56 -0.96 -12.68
CA ASP A 441 17.87 -2.23 -12.16
C ASP A 441 16.56 -2.92 -11.79
N SER A 442 16.66 -4.07 -11.12
CA SER A 442 15.49 -4.87 -10.82
C SER A 442 14.87 -4.55 -9.45
N SER A 443 15.33 -3.46 -8.80
CA SER A 443 14.84 -3.04 -7.48
C SER A 443 14.35 -1.63 -7.43
N GLY A 444 14.76 -0.80 -8.40
CA GLY A 444 14.87 0.63 -8.23
C GLY A 444 13.62 1.40 -8.08
N ILE A 445 13.08 1.39 -6.84
CA ILE A 445 11.96 2.12 -6.28
C ILE A 445 12.03 3.60 -6.55
N LYS A 446 11.84 3.97 -7.81
CA LYS A 446 11.97 5.31 -8.29
C LYS A 446 10.61 5.93 -8.19
N HIS A 447 10.40 6.52 -7.00
CA HIS A 447 9.24 7.26 -6.61
C HIS A 447 9.11 8.55 -7.39
N ASN A 448 8.51 8.45 -8.58
CA ASN A 448 8.15 9.58 -9.39
C ASN A 448 6.93 10.22 -8.77
N ILE A 449 7.07 11.48 -8.34
CA ILE A 449 5.89 12.25 -8.04
C ILE A 449 5.50 12.95 -9.28
N PHE A 450 4.21 13.07 -9.47
CA PHE A 450 3.69 13.91 -10.48
C PHE A 450 3.61 15.23 -9.82
N ASN A 451 4.33 16.20 -10.40
CA ASN A 451 4.67 17.41 -9.68
C ASN A 451 3.32 18.16 -9.30
N PRO A 452 2.50 18.33 -10.38
CA PRO A 452 1.06 18.14 -10.13
C PRO A 452 -0.03 18.06 -11.30
N PRO A 453 -0.77 17.06 -11.88
CA PRO A 453 -1.98 16.66 -11.17
C PRO A 453 -2.48 15.24 -11.49
N ILE A 454 -3.33 15.09 -12.51
CA ILE A 454 -4.03 13.90 -12.90
C ILE A 454 -5.20 13.62 -11.96
N ILE A 455 -6.42 14.16 -12.23
CA ILE A 455 -7.61 13.45 -11.69
C ILE A 455 -8.15 12.43 -12.64
N ALA A 456 -7.75 11.18 -12.46
CA ALA A 456 -8.18 10.13 -13.33
C ALA A 456 -9.20 9.25 -12.67
N ARG A 457 -9.56 8.21 -13.42
CA ARG A 457 -10.10 6.96 -12.94
C ARG A 457 -9.18 5.88 -13.52
N TYR A 458 -8.78 6.02 -14.79
CA TYR A 458 -7.87 5.10 -15.44
C TYR A 458 -6.50 5.73 -15.64
N ILE A 459 -5.42 5.00 -15.34
CA ILE A 459 -4.06 5.43 -15.66
C ILE A 459 -3.51 4.42 -16.65
N ARG A 460 -2.75 4.86 -17.67
CA ARG A 460 -1.96 3.98 -18.49
C ARG A 460 -0.48 4.27 -18.30
N LEU A 461 0.34 3.22 -18.18
CA LEU A 461 1.79 3.33 -18.23
C LEU A 461 2.27 2.71 -19.53
N HIS A 462 2.96 3.50 -20.39
CA HIS A 462 3.53 2.99 -21.63
C HIS A 462 5.05 3.02 -21.53
N PRO A 463 5.82 1.96 -21.75
CA PRO A 463 7.28 2.03 -21.77
C PRO A 463 7.81 2.78 -22.98
N THR A 464 8.88 3.54 -22.79
CA THR A 464 9.59 4.21 -23.89
C THR A 464 10.87 3.44 -24.18
N HIS A 465 11.49 2.85 -23.13
CA HIS A 465 12.55 1.87 -23.33
C HIS A 465 12.59 0.88 -22.18
N TYR A 466 13.26 -0.25 -22.40
CA TYR A 466 13.20 -1.44 -21.56
C TYR A 466 14.59 -2.05 -21.44
N SER A 467 14.73 -3.15 -20.67
CA SER A 467 15.96 -3.93 -20.63
C SER A 467 15.91 -5.12 -21.57
N ILE A 468 15.26 -6.21 -21.14
CA ILE A 468 15.18 -7.50 -21.85
C ILE A 468 13.73 -7.77 -22.20
N ARG A 469 12.80 -7.29 -21.37
CA ARG A 469 11.38 -7.18 -21.64
C ARG A 469 10.97 -5.88 -21.01
N SER A 470 9.77 -5.39 -21.36
CA SER A 470 9.05 -4.35 -20.65
C SER A 470 8.50 -4.95 -19.36
N THR A 471 9.23 -4.76 -18.26
CA THR A 471 9.02 -5.50 -17.02
C THR A 471 8.84 -4.51 -15.89
N LEU A 472 7.73 -4.59 -15.14
CA LEU A 472 7.32 -3.56 -14.21
C LEU A 472 6.55 -4.15 -13.06
N ARG A 473 6.77 -3.62 -11.85
CA ARG A 473 5.83 -3.75 -10.76
C ARG A 473 5.70 -2.37 -10.14
N MET A 474 4.54 -2.02 -9.56
CA MET A 474 4.34 -0.63 -9.19
C MET A 474 3.37 -0.42 -8.05
N GLU A 475 3.35 0.82 -7.53
CA GLU A 475 2.42 1.33 -6.53
C GLU A 475 2.11 2.78 -6.84
N LEU A 476 0.87 3.24 -6.64
CA LEU A 476 0.39 4.53 -7.08
C LEU A 476 0.15 5.43 -5.88
N MET A 477 0.58 6.70 -5.90
CA MET A 477 0.35 7.62 -4.79
C MET A 477 -0.83 8.49 -5.05
N GLY A 478 -1.55 8.92 -4.01
CA GLY A 478 -2.58 9.93 -4.04
C GLY A 478 -3.48 9.84 -2.86
N CYS A 479 -4.80 9.80 -3.06
CA CYS A 479 -5.79 9.62 -2.00
C CYS A 479 -7.14 9.81 -2.66
N ASP A 480 -8.10 10.36 -1.90
CA ASP A 480 -9.41 10.76 -2.31
C ASP A 480 -9.48 12.27 -2.43
N LEU A 481 -10.51 12.71 -3.15
CA LEU A 481 -10.78 13.99 -3.77
C LEU A 481 -11.42 15.02 -2.85
N ASN A 482 -12.76 15.11 -2.75
CA ASN A 482 -13.42 14.34 -1.69
C ASN A 482 -14.69 13.75 -2.33
N SER A 483 -14.52 12.57 -3.05
CA SER A 483 -15.39 11.56 -3.65
C SER A 483 -16.62 12.33 -4.12
N CYS A 484 -16.33 13.05 -5.35
CA CYS A 484 -16.73 14.44 -5.30
C CYS A 484 -17.91 14.74 -6.15
N SER A 485 -19.02 14.23 -5.64
CA SER A 485 -20.28 14.93 -5.75
C SER A 485 -20.42 15.74 -4.48
N MET A 486 -19.42 16.57 -4.15
CA MET A 486 -19.37 17.41 -2.98
C MET A 486 -19.13 18.84 -3.45
N PRO A 487 -19.62 19.91 -2.81
CA PRO A 487 -19.37 21.28 -3.23
C PRO A 487 -17.91 21.71 -3.12
N LEU A 488 -17.40 22.44 -4.14
CA LEU A 488 -15.98 22.79 -4.26
C LEU A 488 -15.59 23.92 -3.34
N GLY A 489 -16.52 24.84 -3.07
CA GLY A 489 -16.25 25.91 -2.13
C GLY A 489 -16.86 27.21 -2.50
N MET A 490 -17.94 27.22 -3.30
CA MET A 490 -18.64 28.45 -3.63
C MET A 490 -19.59 28.85 -2.52
N GLU A 491 -20.38 27.91 -1.95
CA GLU A 491 -21.20 28.12 -0.76
C GLU A 491 -20.40 28.38 0.51
N SER A 492 -19.44 27.50 0.85
CA SER A 492 -18.61 27.62 2.05
C SER A 492 -17.67 28.81 2.02
N LYS A 493 -17.33 29.31 0.81
CA LYS A 493 -16.47 30.44 0.54
C LYS A 493 -15.02 30.11 0.81
N ALA A 494 -14.63 28.86 0.52
CA ALA A 494 -13.25 28.44 0.45
C ALA A 494 -12.58 29.03 -0.79
N ILE A 495 -13.40 29.34 -1.82
CA ILE A 495 -13.02 30.14 -2.96
C ILE A 495 -13.32 31.60 -2.63
N SER A 496 -12.26 32.43 -2.53
CA SER A 496 -12.35 33.81 -2.05
C SER A 496 -13.10 34.75 -3.02
N ASP A 497 -13.61 35.89 -2.52
CA ASP A 497 -14.27 36.91 -3.31
C ASP A 497 -13.32 37.63 -4.29
N ALA A 498 -12.00 37.54 -4.02
CA ALA A 498 -10.95 37.98 -4.93
C ALA A 498 -10.66 36.99 -6.07
N GLN A 499 -11.13 35.74 -5.94
CA GLN A 499 -10.70 34.63 -6.77
C GLN A 499 -11.64 34.37 -7.96
N ILE A 500 -12.66 35.22 -8.11
CA ILE A 500 -13.65 35.13 -9.16
C ILE A 500 -13.78 36.49 -9.85
N THR A 501 -13.51 36.55 -11.17
CA THR A 501 -13.86 37.69 -11.99
C THR A 501 -14.88 37.28 -13.02
N ALA A 502 -15.57 38.26 -13.63
CA ALA A 502 -16.43 38.02 -14.75
C ALA A 502 -15.90 38.86 -15.90
N SER A 503 -16.61 38.84 -17.03
CA SER A 503 -16.40 39.71 -18.17
C SER A 503 -16.74 41.14 -17.80
N SER A 504 -17.91 41.35 -17.18
CA SER A 504 -18.22 42.66 -16.65
C SER A 504 -19.03 42.56 -15.36
N TYR A 505 -19.43 43.68 -14.73
CA TYR A 505 -20.37 43.66 -13.61
C TYR A 505 -21.24 44.91 -13.57
N PHE A 506 -22.52 44.74 -13.17
CA PHE A 506 -23.44 45.86 -12.99
C PHE A 506 -23.25 46.55 -11.63
N THR A 507 -23.03 47.87 -11.64
CA THR A 507 -22.75 48.65 -10.44
C THR A 507 -23.35 50.03 -10.58
N ASN A 508 -23.81 50.67 -9.49
CA ASN A 508 -24.31 52.03 -9.52
C ASN A 508 -24.12 52.78 -8.19
N MET A 509 -25.08 52.64 -7.25
CA MET A 509 -25.00 53.19 -5.90
C MET A 509 -25.83 52.34 -4.96
N PHE A 510 -27.04 51.92 -5.40
CA PHE A 510 -27.94 51.09 -4.62
C PHE A 510 -27.60 49.62 -4.79
N ALA A 511 -26.69 49.29 -5.74
CA ALA A 511 -26.33 47.94 -6.04
C ALA A 511 -24.94 47.78 -6.63
N THR A 512 -24.28 46.68 -6.24
CA THR A 512 -23.01 46.21 -6.80
C THR A 512 -23.14 44.72 -7.03
N TRP A 513 -23.50 44.28 -8.25
CA TRP A 513 -23.74 42.87 -8.57
C TRP A 513 -22.47 42.26 -9.12
N SER A 514 -21.41 42.25 -8.29
CA SER A 514 -20.07 41.81 -8.60
C SER A 514 -19.93 40.30 -8.75
N PRO A 515 -18.89 39.76 -9.41
CA PRO A 515 -18.81 38.32 -9.71
C PRO A 515 -18.60 37.47 -8.49
N SER A 516 -18.04 38.09 -7.44
CA SER A 516 -17.80 37.57 -6.11
C SER A 516 -19.05 37.07 -5.40
N LYS A 517 -20.22 37.58 -5.85
CA LYS A 517 -21.51 37.29 -5.28
C LYS A 517 -22.21 36.09 -5.89
N ALA A 518 -21.64 35.42 -6.92
CA ALA A 518 -22.31 34.31 -7.58
C ALA A 518 -22.28 33.00 -6.80
N ARG A 519 -22.92 32.98 -5.63
CA ARG A 519 -22.92 31.87 -4.70
C ARG A 519 -24.33 31.34 -4.51
N LEU A 520 -24.51 30.02 -4.50
CA LEU A 520 -25.79 29.30 -4.51
C LEU A 520 -26.89 29.86 -3.58
N HIS A 521 -26.64 30.02 -2.27
CA HIS A 521 -27.62 30.62 -1.36
C HIS A 521 -27.17 31.92 -0.71
N LEU A 522 -27.13 33.01 -1.49
CA LEU A 522 -26.74 34.32 -0.99
C LEU A 522 -27.93 35.28 -0.84
N GLN A 523 -28.02 36.01 0.29
CA GLN A 523 -29.01 37.05 0.50
C GLN A 523 -28.34 38.42 0.56
N GLY A 524 -29.10 39.51 0.39
CA GLY A 524 -28.58 40.87 0.42
C GLY A 524 -29.41 41.73 -0.48
N ARG A 525 -28.95 42.97 -0.77
CA ARG A 525 -29.53 43.81 -1.81
C ARG A 525 -29.00 43.38 -3.17
N SER A 526 -27.68 43.50 -3.41
CA SER A 526 -27.04 42.91 -4.58
C SER A 526 -26.50 41.54 -4.25
N ASN A 527 -27.36 40.51 -4.37
CA ASN A 527 -27.08 39.17 -3.88
C ASN A 527 -26.60 38.17 -4.92
N ALA A 528 -26.04 38.63 -6.06
CA ALA A 528 -25.56 37.73 -7.08
C ALA A 528 -24.66 38.45 -8.06
N TRP A 529 -24.17 37.73 -9.10
CA TRP A 529 -23.53 38.36 -10.24
C TRP A 529 -24.55 38.74 -11.29
N ARG A 530 -24.36 39.93 -11.91
CA ARG A 530 -25.01 40.32 -13.15
C ARG A 530 -23.98 41.02 -14.01
N PRO A 531 -23.90 40.79 -15.32
CA PRO A 531 -23.03 41.57 -16.21
C PRO A 531 -23.54 43.00 -16.40
N GLN A 532 -22.76 43.89 -17.04
CA GLN A 532 -23.14 45.28 -17.20
C GLN A 532 -24.24 45.48 -18.25
N VAL A 533 -24.20 44.71 -19.35
CA VAL A 533 -25.28 44.61 -20.33
C VAL A 533 -25.40 43.15 -20.70
N ASN A 534 -26.46 42.79 -21.46
CA ASN A 534 -26.86 41.40 -21.61
C ASN A 534 -26.47 40.88 -22.98
N ASN A 535 -25.34 40.13 -23.08
CA ASN A 535 -24.83 39.56 -24.32
C ASN A 535 -24.73 38.04 -24.21
N PRO A 536 -24.89 37.21 -25.25
CA PRO A 536 -24.58 35.78 -25.17
C PRO A 536 -23.09 35.47 -25.36
N LYS A 537 -22.20 36.46 -25.54
CA LYS A 537 -20.77 36.25 -25.50
C LYS A 537 -20.17 36.73 -24.18
N GLU A 538 -21.01 36.99 -23.17
CA GLU A 538 -20.60 37.31 -21.81
C GLU A 538 -20.09 36.07 -21.06
N TRP A 539 -19.53 36.25 -19.85
CA TRP A 539 -19.00 35.13 -19.10
C TRP A 539 -18.68 35.46 -17.64
N LEU A 540 -18.72 34.43 -16.78
CA LEU A 540 -18.27 34.45 -15.40
C LEU A 540 -17.14 33.45 -15.27
N GLN A 541 -16.04 33.77 -14.57
CA GLN A 541 -14.84 32.93 -14.49
C GLN A 541 -14.42 32.63 -13.06
N VAL A 542 -14.36 31.34 -12.69
CA VAL A 542 -13.72 30.89 -11.47
C VAL A 542 -12.25 30.59 -11.77
N ASP A 543 -11.32 31.24 -11.04
CA ASP A 543 -9.94 30.79 -10.94
C ASP A 543 -9.89 29.84 -9.75
N PHE A 544 -9.31 28.65 -9.93
CA PHE A 544 -8.96 27.81 -8.82
C PHE A 544 -7.46 27.98 -8.66
N GLN A 545 -6.95 28.32 -7.46
CA GLN A 545 -5.51 28.57 -7.30
C GLN A 545 -4.61 27.32 -7.44
N LYS A 546 -5.23 26.15 -7.67
CA LYS A 546 -4.58 24.90 -8.05
C LYS A 546 -5.49 24.16 -9.04
N THR A 547 -5.00 23.09 -9.70
CA THR A 547 -5.75 22.33 -10.72
C THR A 547 -6.78 21.40 -10.15
N MET A 548 -7.99 21.40 -10.74
CA MET A 548 -9.15 20.73 -10.19
C MET A 548 -9.82 19.72 -11.12
N LYS A 549 -10.72 18.89 -10.56
CA LYS A 549 -11.72 18.11 -11.27
C LYS A 549 -13.08 18.72 -11.02
N VAL A 550 -13.92 18.71 -12.07
CA VAL A 550 -15.28 19.16 -12.01
C VAL A 550 -16.23 18.02 -12.32
N THR A 551 -17.17 17.73 -11.41
CA THR A 551 -18.33 16.86 -11.66
C THR A 551 -19.39 17.64 -12.39
N GLY A 552 -19.69 18.86 -11.95
CA GLY A 552 -20.68 19.69 -12.61
C GLY A 552 -20.73 21.06 -12.03
N VAL A 553 -21.59 21.92 -12.59
CA VAL A 553 -21.84 23.25 -12.07
C VAL A 553 -23.30 23.34 -11.70
N THR A 554 -23.57 23.70 -10.44
CA THR A 554 -24.92 23.86 -9.92
C THR A 554 -25.29 25.31 -10.09
N THR A 555 -26.22 25.63 -11.00
CA THR A 555 -26.62 27.01 -11.27
C THR A 555 -27.91 27.34 -10.55
N GLN A 556 -28.19 28.65 -10.35
CA GLN A 556 -29.41 29.14 -9.74
C GLN A 556 -29.65 30.60 -10.13
N GLY A 557 -30.90 31.12 -9.98
CA GLY A 557 -31.22 32.53 -10.25
C GLY A 557 -31.23 33.46 -9.06
N VAL A 558 -31.81 34.66 -9.23
CA VAL A 558 -31.85 35.70 -8.21
C VAL A 558 -33.25 36.18 -7.96
N LYS A 559 -33.59 36.40 -6.68
CA LYS A 559 -34.79 37.06 -6.24
C LYS A 559 -34.45 38.52 -5.97
N SER A 560 -34.62 39.40 -6.97
CA SER A 560 -34.12 40.77 -6.89
C SER A 560 -35.06 41.73 -6.18
N LEU A 561 -36.22 41.22 -5.68
CA LEU A 561 -37.33 41.96 -5.09
C LEU A 561 -38.14 42.76 -6.12
N LEU A 562 -37.45 43.33 -7.11
CA LEU A 562 -37.94 43.83 -8.38
C LEU A 562 -38.69 42.78 -9.21
N THR A 563 -37.96 41.91 -9.94
CA THR A 563 -38.52 40.82 -10.71
C THR A 563 -37.70 39.56 -10.48
N SER A 564 -38.14 38.44 -11.09
CA SER A 564 -37.40 37.21 -11.21
C SER A 564 -36.24 37.33 -12.18
N MET A 565 -35.16 36.57 -11.97
CA MET A 565 -34.01 36.68 -12.85
C MET A 565 -33.21 35.39 -12.79
N TYR A 566 -32.86 34.80 -13.93
CA TYR A 566 -32.16 33.54 -13.97
C TYR A 566 -31.63 33.29 -15.37
N VAL A 567 -30.72 32.30 -15.52
CA VAL A 567 -30.20 31.88 -16.81
C VAL A 567 -30.79 30.53 -17.17
N LYS A 568 -31.32 30.41 -18.39
CA LYS A 568 -32.08 29.28 -18.87
C LYS A 568 -31.19 28.25 -19.54
N GLU A 569 -30.26 28.68 -20.41
CA GLU A 569 -29.35 27.80 -21.12
C GLU A 569 -27.96 28.39 -21.10
N PHE A 570 -26.90 27.55 -21.12
CA PHE A 570 -25.54 28.03 -21.07
C PHE A 570 -24.53 27.05 -21.68
N LEU A 571 -23.26 27.48 -21.82
CA LEU A 571 -22.11 26.69 -22.24
C LEU A 571 -21.03 26.81 -21.17
N ILE A 572 -19.94 26.01 -21.23
CA ILE A 572 -18.84 26.10 -20.28
C ILE A 572 -17.51 26.09 -21.03
N SER A 573 -16.46 26.79 -20.56
CA SER A 573 -15.11 26.63 -21.12
C SER A 573 -14.08 26.34 -20.04
N SER A 574 -12.99 25.63 -20.42
CA SER A 574 -11.90 25.25 -19.55
C SER A 574 -10.58 25.80 -20.05
N SER A 575 -9.57 25.83 -19.16
CA SER A 575 -8.24 26.30 -19.50
C SER A 575 -7.29 25.79 -18.43
N GLN A 576 -6.00 25.64 -18.79
CA GLN A 576 -4.94 25.25 -17.86
C GLN A 576 -4.03 26.46 -17.60
N ASP A 577 -3.80 27.26 -18.64
CA ASP A 577 -3.01 28.47 -18.63
C ASP A 577 -3.72 29.66 -17.98
N GLY A 578 -5.03 29.81 -18.22
CA GLY A 578 -5.90 30.85 -17.67
C GLY A 578 -6.21 31.95 -18.64
N HIS A 579 -5.70 31.87 -19.87
CA HIS A 579 -5.74 32.99 -20.79
C HIS A 579 -6.41 32.62 -22.09
N GLN A 580 -6.08 31.45 -22.66
CA GLN A 580 -6.71 30.89 -23.83
C GLN A 580 -7.64 29.73 -23.43
N TRP A 581 -8.72 29.44 -24.20
CA TRP A 581 -9.82 28.62 -23.68
C TRP A 581 -10.24 27.53 -24.66
N THR A 582 -10.23 26.27 -24.19
CA THR A 582 -10.78 25.13 -24.93
C THR A 582 -12.14 24.86 -24.33
N LEU A 583 -13.25 24.89 -25.12
CA LEU A 583 -14.57 24.81 -24.52
C LEU A 583 -15.19 23.42 -24.47
N PHE A 584 -16.32 23.26 -23.75
CA PHE A 584 -16.95 21.99 -23.48
C PHE A 584 -17.86 21.49 -24.60
N PHE A 585 -17.65 20.22 -25.02
CA PHE A 585 -18.34 19.59 -26.13
C PHE A 585 -19.20 18.41 -25.66
N GLN A 586 -20.16 18.01 -26.52
CA GLN A 586 -20.85 16.74 -26.39
C GLN A 586 -20.02 15.63 -27.07
N ASN A 587 -20.72 14.66 -27.67
CA ASN A 587 -20.23 13.70 -28.64
C ASN A 587 -20.18 14.30 -30.05
N GLY A 588 -20.80 15.49 -30.25
CA GLY A 588 -20.86 16.15 -31.57
C GLY A 588 -20.44 17.59 -31.55
N LYS A 589 -21.38 18.53 -31.31
CA LYS A 589 -21.05 19.95 -31.20
C LYS A 589 -20.95 20.36 -29.73
N VAL A 590 -21.06 21.67 -29.44
CA VAL A 590 -21.01 22.19 -28.08
C VAL A 590 -22.18 21.75 -27.24
N LYS A 591 -22.01 21.73 -25.91
CA LYS A 591 -23.06 21.29 -25.02
C LYS A 591 -24.00 22.42 -24.67
N VAL A 592 -25.21 22.40 -25.25
CA VAL A 592 -26.35 23.17 -24.78
C VAL A 592 -26.78 22.65 -23.41
N PHE A 593 -26.45 23.38 -22.33
CA PHE A 593 -26.78 22.97 -20.97
C PHE A 593 -28.16 23.45 -20.56
N GLN A 594 -28.98 22.53 -20.04
CA GLN A 594 -30.28 22.84 -19.46
C GLN A 594 -30.11 23.49 -18.10
N GLY A 595 -30.59 24.73 -17.91
CA GLY A 595 -30.42 25.49 -16.69
C GLY A 595 -31.71 25.79 -15.98
N ASN A 596 -31.85 27.01 -15.47
CA ASN A 596 -32.84 27.36 -14.46
C ASN A 596 -34.19 27.76 -15.03
N GLN A 597 -35.21 27.81 -14.17
CA GLN A 597 -36.52 28.31 -14.55
C GLN A 597 -37.11 29.28 -13.53
N ASP A 598 -36.38 29.59 -12.45
CA ASP A 598 -36.89 30.38 -11.35
C ASP A 598 -35.80 31.14 -10.59
N SER A 599 -36.25 31.94 -9.59
CA SER A 599 -35.45 32.84 -8.76
C SER A 599 -34.79 32.13 -7.59
N PHE A 600 -35.12 30.86 -7.41
CA PHE A 600 -34.58 29.97 -6.42
C PHE A 600 -34.16 28.70 -7.17
N THR A 601 -34.40 27.50 -6.75
CA THR A 601 -34.20 26.10 -7.17
C THR A 601 -32.88 25.83 -7.88
N PRO A 602 -31.89 25.15 -7.24
CA PRO A 602 -30.62 24.83 -7.88
C PRO A 602 -30.69 23.64 -8.86
N VAL A 603 -29.84 23.63 -9.91
CA VAL A 603 -29.86 22.62 -10.97
C VAL A 603 -28.73 21.59 -10.86
N VAL A 604 -29.03 20.28 -10.85
CA VAL A 604 -28.05 19.19 -10.90
C VAL A 604 -27.47 18.98 -12.30
N ASN A 605 -26.54 19.87 -12.73
CA ASN A 605 -26.03 19.87 -14.10
C ASN A 605 -24.59 19.36 -14.20
N SER A 606 -24.41 18.09 -14.55
CA SER A 606 -23.10 17.45 -14.60
C SER A 606 -22.58 17.15 -16.00
N LEU A 607 -21.31 16.70 -16.06
CA LEU A 607 -20.51 16.58 -17.25
C LEU A 607 -20.28 15.11 -17.63
N ASP A 608 -20.44 14.73 -18.93
CA ASP A 608 -20.27 13.38 -19.49
C ASP A 608 -18.81 12.89 -19.40
N PRO A 609 -17.77 13.47 -20.03
CA PRO A 609 -16.45 13.46 -19.44
C PRO A 609 -16.40 14.45 -18.26
N PRO A 610 -16.01 14.09 -17.04
CA PRO A 610 -15.78 15.06 -15.98
C PRO A 610 -14.65 16.01 -16.30
N LEU A 611 -14.63 17.29 -15.89
CA LEU A 611 -13.68 18.20 -16.52
C LEU A 611 -12.35 18.35 -15.77
N LEU A 612 -11.21 18.25 -16.50
CA LEU A 612 -9.86 18.57 -16.03
C LEU A 612 -9.57 20.04 -16.26
N THR A 613 -9.54 20.87 -15.20
CA THR A 613 -9.35 22.29 -15.42
C THR A 613 -9.01 23.04 -14.15
N ARG A 614 -8.27 24.14 -14.31
CA ARG A 614 -7.97 25.05 -13.25
C ARG A 614 -8.76 26.34 -13.42
N TYR A 615 -9.21 26.61 -14.63
CA TYR A 615 -9.90 27.83 -14.94
C TYR A 615 -11.25 27.47 -15.52
N LEU A 616 -12.36 27.88 -14.89
CA LEU A 616 -13.67 27.41 -15.30
C LEU A 616 -14.61 28.57 -15.57
N ARG A 617 -15.05 28.69 -16.83
CA ARG A 617 -15.92 29.78 -17.24
C ARG A 617 -17.34 29.35 -17.55
N ILE A 618 -18.32 30.02 -16.96
CA ILE A 618 -19.73 29.91 -17.33
C ILE A 618 -20.01 30.88 -18.47
N HIS A 619 -20.58 30.40 -19.58
CA HIS A 619 -20.96 31.22 -20.72
C HIS A 619 -22.47 31.21 -20.90
N PRO A 620 -23.27 32.19 -20.47
CA PRO A 620 -24.72 32.16 -20.62
C PRO A 620 -25.18 32.29 -22.07
N GLN A 621 -26.30 31.63 -22.44
CA GLN A 621 -26.86 31.70 -23.79
C GLN A 621 -28.25 32.29 -23.77
N SER A 622 -29.24 31.57 -23.20
CA SER A 622 -30.61 32.07 -23.07
C SER A 622 -30.92 32.35 -21.62
N TRP A 623 -31.77 33.35 -21.33
CA TRP A 623 -32.10 33.77 -19.98
C TRP A 623 -33.56 34.20 -19.93
N VAL A 624 -34.02 34.80 -18.81
CA VAL A 624 -35.41 35.22 -18.65
C VAL A 624 -35.64 36.72 -18.89
N HIS A 625 -35.12 37.58 -18.00
CA HIS A 625 -35.42 38.99 -17.95
C HIS A 625 -34.13 39.78 -17.98
N GLN A 626 -33.13 39.32 -17.20
CA GLN A 626 -31.75 39.75 -17.30
C GLN A 626 -30.96 38.48 -17.10
N ILE A 627 -29.68 38.47 -17.47
CA ILE A 627 -28.72 37.45 -17.08
C ILE A 627 -28.36 37.67 -15.61
N ALA A 628 -28.55 36.65 -14.75
CA ALA A 628 -28.27 36.78 -13.35
C ALA A 628 -27.91 35.43 -12.81
N LEU A 629 -26.83 35.33 -12.02
CA LEU A 629 -26.34 34.01 -11.62
C LEU A 629 -25.90 33.94 -10.17
N ARG A 630 -26.46 32.96 -9.44
CA ARG A 630 -25.89 32.40 -8.24
C ARG A 630 -25.46 31.00 -8.62
N MET A 631 -24.33 30.47 -8.11
CA MET A 631 -23.90 29.14 -8.54
C MET A 631 -22.96 28.45 -7.56
N GLU A 632 -22.64 27.18 -7.84
CA GLU A 632 -21.69 26.37 -7.12
C GLU A 632 -20.99 25.46 -8.12
N VAL A 633 -19.78 24.95 -7.80
CA VAL A 633 -19.12 23.93 -8.60
C VAL A 633 -19.11 22.66 -7.76
N LEU A 634 -19.41 21.48 -8.32
CA LEU A 634 -19.22 20.24 -7.60
C LEU A 634 -17.87 19.69 -7.97
N GLY A 635 -17.01 19.45 -6.99
CA GLY A 635 -15.73 18.87 -7.33
C GLY A 635 -14.68 18.88 -6.24
N CYS A 636 -13.42 19.10 -6.65
CA CYS A 636 -12.26 18.50 -6.01
C CYS A 636 -11.00 18.73 -6.83
N GLU A 637 -9.80 18.46 -6.28
CA GLU A 637 -8.48 18.38 -6.93
C GLU A 637 -7.93 16.94 -6.96
N ALA A 638 -6.63 16.68 -7.27
CA ALA A 638 -6.23 15.36 -7.81
C ALA A 638 -4.75 15.04 -7.67
N GLN A 639 -4.18 16.05 -8.50
CA GLN A 639 -3.28 17.19 -7.95
C GLN A 639 -3.51 18.61 -8.49
N ASP A 640 -2.45 19.45 -8.37
CA ASP A 640 -2.32 20.88 -8.37
C ASP A 640 -1.43 21.53 -9.48
N LEU A 641 -1.32 21.42 -10.87
CA LEU A 641 -1.13 22.32 -12.02
C LEU A 641 -0.95 21.63 -13.39
N TYR A 642 0.08 20.70 -13.81
CA TYR A 642 0.87 20.28 -15.04
C TYR A 642 1.80 19.04 -14.75
#